data_3T7G
#
_entry.id   3T7G
#
_cell.length_a   152.135
_cell.length_b   99.429
_cell.length_c   71.502
_cell.angle_alpha   90.00
_cell.angle_beta   113.13
_cell.angle_gamma   90.00
#
_symmetry.space_group_name_H-M   'C 1 2 1'
#
loop_
_entity.id
_entity.type
_entity.pdbx_description
1 polymer 'Ubiquitin-like modifier-activating enzyme ATG7'
2 polymer 'Autophagy-related protein 3'
3 water water
#
loop_
_entity_poly.entity_id
_entity_poly.type
_entity_poly.pdbx_seq_one_letter_code
_entity_poly.pdbx_strand_id
1 'polypeptide(L)'
;GSMSSERVLSYAPAFKSFLDTSFFQELSRLKLDVLKLDSTCQPLTVNLDLHNIPKSADQVPLFLTNRSFEKHNNKRTNEV
PLQGSIFNFNVLDEFKNLDKQLFLHQRALECWEDGIKDINKCVSFVIISFADLKKYRFYYWLGVPCFQRPSSTVLHVRPE
PSLKGLFSKCQKWFDVNYSKWVCILDADDEIVNYDKCIIRKTKVLAIRDTSTMENVPSALTKNFLSVLQYDVPDLIDFKL
LIIRQNEGSFALNATFASIDPQSSSSNPDMKVSGWERNVQGKLAPRVVDLS
;
A,B
2 'polypeptide(L)' SIDDIDELIQDMEIKEE D,C
#
# COMPACT_ATOMS: atom_id res chain seq x y z
N SER A 5 -36.85 -10.52 -3.27
CA SER A 5 -36.10 -11.77 -3.20
C SER A 5 -34.67 -11.66 -3.78
N GLU A 6 -34.42 -10.60 -4.54
CA GLU A 6 -33.12 -10.40 -5.19
C GLU A 6 -32.19 -9.56 -4.31
N ARG A 7 -31.08 -10.17 -3.89
CA ARG A 7 -30.20 -9.53 -2.92
C ARG A 7 -28.86 -9.17 -3.55
N VAL A 8 -28.21 -8.15 -2.98
CA VAL A 8 -26.81 -7.88 -3.27
C VAL A 8 -25.95 -8.81 -2.42
N LEU A 9 -25.14 -9.65 -3.07
CA LEU A 9 -24.33 -10.63 -2.34
C LEU A 9 -23.34 -9.98 -1.38
N SER A 10 -23.34 -10.46 -0.15
CA SER A 10 -22.31 -10.07 0.81
C SER A 10 -21.56 -11.33 1.27
N TYR A 11 -20.47 -11.12 1.99
CA TYR A 11 -19.48 -12.18 2.17
C TYR A 11 -19.06 -12.36 3.61
N ALA A 12 -18.37 -13.46 3.87
CA ALA A 12 -17.87 -13.77 5.20
C ALA A 12 -16.35 -13.78 5.18
N PRO A 13 -15.71 -13.54 6.35
CA PRO A 13 -14.25 -13.60 6.37
C PRO A 13 -13.77 -14.99 5.91
N ALA A 14 -12.70 -15.03 5.14
CA ALA A 14 -12.30 -16.28 4.49
C ALA A 14 -11.65 -17.29 5.43
N PHE A 15 -10.86 -16.78 6.37
CA PHE A 15 -10.07 -17.63 7.27
C PHE A 15 -10.03 -17.03 8.66
N LYS A 16 -9.72 -17.85 9.65
CA LYS A 16 -9.35 -17.35 10.97
C LYS A 16 -7.96 -17.88 11.32
N SER A 17 -7.09 -17.04 11.84
CA SER A 17 -5.71 -17.47 12.15
C SER A 17 -5.59 -18.20 13.48
N PHE A 18 -4.70 -19.19 13.54
CA PHE A 18 -4.19 -19.69 14.79
C PHE A 18 -2.70 -19.92 14.63
N LEU A 19 -1.89 -19.09 15.27
CA LEU A 19 -0.46 -19.25 15.20
C LEU A 19 0.01 -20.02 16.44
N ASP A 20 0.44 -21.24 16.22
CA ASP A 20 1.00 -22.07 17.27
C ASP A 20 2.27 -21.47 17.81
N THR A 21 2.54 -21.76 19.08
CA THR A 21 3.77 -21.37 19.74
C THR A 21 5.00 -21.64 18.87
N SER A 22 4.98 -22.76 18.16
CA SER A 22 6.14 -23.14 17.37
C SER A 22 6.35 -22.17 16.20
N PHE A 23 5.28 -21.53 15.74
CA PHE A 23 5.39 -20.53 14.68
C PHE A 23 6.22 -19.35 15.17
N PHE A 24 5.92 -18.90 16.39
CA PHE A 24 6.59 -17.74 16.97
C PHE A 24 8.02 -18.11 17.39
N GLN A 25 8.21 -19.33 17.87
CA GLN A 25 9.55 -19.83 18.11
C GLN A 25 10.38 -19.79 16.81
N GLU A 26 9.80 -20.21 15.69
CA GLU A 26 10.51 -20.25 14.42
C GLU A 26 10.78 -18.84 13.89
N LEU A 27 9.78 -17.97 14.05
CA LEU A 27 9.92 -16.56 13.76
C LEU A 27 11.07 -15.95 14.58
N SER A 28 11.18 -16.36 15.83
CA SER A 28 12.26 -15.85 16.69
C SER A 28 13.62 -16.22 16.10
N ARG A 29 13.76 -17.47 15.68
CA ARG A 29 14.98 -17.91 15.04
C ARG A 29 15.26 -17.06 13.78
N LEU A 30 14.23 -16.85 12.97
CA LEU A 30 14.33 -16.02 11.79
C LEU A 30 14.83 -14.61 12.12
N LYS A 31 14.19 -13.95 13.08
CA LYS A 31 14.57 -12.58 13.42
C LYS A 31 16.03 -12.48 13.88
N LEU A 32 16.47 -13.44 14.71
CA LEU A 32 17.85 -13.44 15.20
C LEU A 32 18.84 -13.59 14.04
N ASP A 33 18.39 -14.21 12.95
CA ASP A 33 19.20 -14.37 11.76
C ASP A 33 19.38 -13.04 11.03
N VAL A 34 18.37 -12.16 11.12
CA VAL A 34 18.42 -10.88 10.42
C VAL A 34 18.28 -9.68 11.36
N LEU A 35 18.97 -9.74 12.50
CA LEU A 35 18.85 -8.70 13.50
C LEU A 35 19.32 -7.32 13.00
N LYS A 36 20.27 -7.32 12.08
CA LYS A 36 20.83 -6.06 11.58
C LYS A 36 19.99 -5.39 10.47
N LEU A 37 18.91 -6.05 10.02
CA LEU A 37 18.11 -5.53 8.93
C LEU A 37 16.85 -4.83 9.44
N ASP A 38 16.24 -3.97 8.62
CA ASP A 38 15.00 -3.30 9.02
C ASP A 38 13.82 -4.27 9.00
N SER A 39 13.89 -5.28 8.15
CA SER A 39 12.78 -6.19 7.97
C SER A 39 13.14 -7.29 7.00
N THR A 40 12.31 -8.33 6.98
CA THR A 40 12.50 -9.44 6.05
C THR A 40 11.15 -9.98 5.67
N CYS A 41 11.09 -10.62 4.51
CA CYS A 41 9.83 -11.21 4.06
C CYS A 41 10.09 -12.65 3.63
N GLN A 42 9.41 -13.60 4.24
CA GLN A 42 9.69 -15.01 3.99
C GLN A 42 8.42 -15.76 3.57
N PRO A 43 8.56 -16.77 2.70
CA PRO A 43 7.40 -17.53 2.23
C PRO A 43 6.83 -18.46 3.28
N LEU A 44 5.51 -18.66 3.25
CA LEU A 44 4.84 -19.60 4.13
C LEU A 44 3.94 -20.52 3.31
N THR A 45 3.72 -21.72 3.81
CA THR A 45 2.71 -22.59 3.21
C THR A 45 1.85 -23.20 4.30
N VAL A 46 0.55 -23.25 4.08
CA VAL A 46 -0.37 -23.92 4.99
CA VAL A 46 -0.34 -23.97 5.00
C VAL A 46 -1.23 -24.91 4.21
N ASN A 47 -1.52 -26.05 4.80
CA ASN A 47 -2.37 -27.05 4.17
C ASN A 47 -3.75 -26.97 4.79
N LEU A 48 -4.74 -26.50 4.02
CA LEU A 48 -6.07 -26.29 4.55
C LEU A 48 -6.87 -27.61 4.61
N ASP A 49 -7.54 -27.86 5.73
CA ASP A 49 -8.38 -29.05 5.89
C ASP A 49 -9.84 -28.60 5.88
N LEU A 50 -10.54 -28.78 4.76
CA LEU A 50 -11.89 -28.24 4.66
C LEU A 50 -12.95 -29.23 5.15
N HIS A 51 -12.50 -30.43 5.50
CA HIS A 51 -13.41 -31.46 6.01
C HIS A 51 -13.56 -31.44 7.54
N ASN A 52 -12.59 -30.87 8.23
CA ASN A 52 -12.63 -30.89 9.69
C ASN A 52 -12.63 -29.49 10.29
N ILE A 53 -13.62 -28.70 9.89
CA ILE A 53 -13.83 -27.37 10.43
C ILE A 53 -14.72 -27.48 11.66
N PRO A 54 -14.27 -26.91 12.79
CA PRO A 54 -15.09 -26.97 14.01
C PRO A 54 -16.54 -26.55 13.74
N LYS A 55 -17.49 -27.30 14.28
CA LYS A 55 -18.91 -27.02 14.07
C LYS A 55 -19.29 -25.61 14.53
N SER A 56 -18.50 -25.06 15.46
CA SER A 56 -18.78 -23.74 16.01
C SER A 56 -17.99 -22.61 15.33
N ALA A 57 -17.01 -22.96 14.51
CA ALA A 57 -16.26 -21.93 13.77
C ALA A 57 -17.08 -21.44 12.58
N ASP A 58 -16.74 -20.26 12.04
CA ASP A 58 -17.46 -19.69 10.91
C ASP A 58 -16.69 -19.85 9.62
N GLN A 59 -15.45 -20.29 9.69
CA GLN A 59 -14.65 -20.46 8.48
C GLN A 59 -13.45 -21.33 8.79
N VAL A 60 -12.69 -21.67 7.75
CA VAL A 60 -11.54 -22.52 7.90
C VAL A 60 -10.48 -21.79 8.73
N PRO A 61 -9.89 -22.50 9.70
CA PRO A 61 -8.75 -21.96 10.41
C PRO A 61 -7.46 -22.07 9.58
N LEU A 62 -6.59 -21.10 9.79
CA LEU A 62 -5.23 -21.14 9.23
C LEU A 62 -4.28 -21.49 10.38
N PHE A 63 -3.92 -22.77 10.48
CA PHE A 63 -3.13 -23.26 11.60
C PHE A 63 -1.66 -23.20 11.23
N LEU A 64 -0.94 -22.22 11.78
CA LEU A 64 0.45 -21.95 11.39
C LEU A 64 1.43 -22.49 12.43
N THR A 65 2.53 -23.11 11.97
CA THR A 65 3.52 -23.67 12.88
C THR A 65 4.92 -23.41 12.34
N ASN A 66 5.95 -23.90 13.03
CA ASN A 66 7.31 -23.77 12.52
C ASN A 66 7.41 -24.38 11.13
N ARG A 67 6.62 -25.42 10.89
CA ARG A 67 6.67 -26.11 9.60
C ARG A 67 6.11 -25.31 8.44
N SER A 68 5.30 -24.30 8.73
CA SER A 68 4.77 -23.42 7.69
C SER A 68 5.89 -22.69 6.94
N PHE A 69 7.05 -22.53 7.58
CA PHE A 69 8.18 -21.81 6.99
C PHE A 69 8.94 -22.73 6.04
N GLU A 70 8.65 -24.02 6.10
CA GLU A 70 9.48 -25.01 5.44
C GLU A 70 8.80 -25.64 4.22
N LYS A 71 9.58 -26.31 3.39
CA LYS A 71 9.06 -26.92 2.17
C LYS A 71 8.74 -28.40 2.39
N HIS A 72 7.96 -28.68 3.42
CA HIS A 72 7.58 -30.05 3.79
C HIS A 72 6.62 -30.68 2.77
N ASN A 73 6.83 -31.97 2.51
CA ASN A 73 5.87 -32.75 1.75
C ASN A 73 4.90 -33.40 2.73
N ASN A 74 4.31 -32.58 3.60
CA ASN A 74 3.53 -33.07 4.73
C ASN A 74 2.03 -33.00 4.49
N LYS A 75 1.63 -32.78 3.25
CA LYS A 75 0.21 -32.65 2.96
C LYS A 75 -0.51 -33.98 3.13
N ARG A 76 -1.65 -33.95 3.80
CA ARG A 76 -2.52 -35.10 3.90
C ARG A 76 -3.53 -35.07 2.74
N THR A 77 -4.15 -36.22 2.51
CA THR A 77 -5.11 -36.38 1.43
C THR A 77 -6.25 -35.36 1.54
N ASN A 78 -6.61 -34.79 0.40
CA ASN A 78 -7.69 -33.81 0.27
C ASN A 78 -7.33 -32.41 0.79
N GLU A 79 -6.19 -32.27 1.45
CA GLU A 79 -5.78 -30.93 1.92
C GLU A 79 -5.38 -30.01 0.79
N VAL A 80 -5.71 -28.73 0.97
CA VAL A 80 -5.50 -27.72 -0.05
C VAL A 80 -4.33 -26.83 0.33
N PRO A 81 -3.22 -26.92 -0.43
CA PRO A 81 -2.12 -26.02 -0.06
C PRO A 81 -2.44 -24.57 -0.34
N LEU A 82 -2.09 -23.69 0.59
CA LEU A 82 -2.29 -22.26 0.39
C LEU A 82 -0.93 -21.58 0.63
N GLN A 83 -0.48 -20.75 -0.29
CA GLN A 83 0.80 -20.05 -0.13
C GLN A 83 0.58 -18.64 0.40
N GLY A 84 1.51 -18.20 1.23
CA GLY A 84 1.50 -16.83 1.70
C GLY A 84 2.91 -16.41 2.09
N SER A 85 3.02 -15.43 2.98
CA SER A 85 4.32 -14.98 3.42
C SER A 85 4.20 -14.25 4.74
N ILE A 86 5.31 -14.14 5.45
CA ILE A 86 5.36 -13.32 6.64
C ILE A 86 6.30 -12.13 6.43
N PHE A 87 5.84 -10.93 6.74
CA PHE A 87 6.66 -9.74 6.63
C PHE A 87 6.94 -9.27 8.06
N ASN A 88 8.17 -9.46 8.50
CA ASN A 88 8.52 -9.18 9.89
C ASN A 88 9.33 -7.90 10.03
N PHE A 89 8.82 -6.96 10.82
CA PHE A 89 9.49 -5.70 11.11
C PHE A 89 10.36 -5.79 12.35
N ASN A 90 11.59 -5.32 12.25
CA ASN A 90 12.46 -5.37 13.43
C ASN A 90 12.29 -4.19 14.37
N VAL A 91 11.51 -3.20 13.94
CA VAL A 91 11.21 -2.05 14.77
C VAL A 91 9.71 -1.86 14.89
N LEU A 92 9.21 -1.80 16.12
CA LEU A 92 7.77 -1.73 16.36
C LEU A 92 7.12 -0.51 15.70
N ASP A 93 7.81 0.63 15.74
CA ASP A 93 7.30 1.82 15.06
C ASP A 93 7.02 1.60 13.57
N GLU A 94 7.85 0.80 12.90
CA GLU A 94 7.66 0.57 11.47
C GLU A 94 6.41 -0.30 11.24
N PHE A 95 6.27 -1.35 12.05
CA PHE A 95 5.04 -2.14 12.10
C PHE A 95 3.80 -1.26 12.31
N LYS A 96 3.86 -0.36 13.29
CA LYS A 96 2.70 0.49 13.61
C LYS A 96 2.34 1.43 12.47
N ASN A 97 3.36 2.03 11.86
CA ASN A 97 3.14 3.06 10.86
C ASN A 97 2.93 2.56 9.43
N LEU A 98 3.15 1.27 9.20
CA LEU A 98 2.90 0.71 7.88
C LEU A 98 1.48 1.08 7.44
N ASP A 99 1.32 1.59 6.22
CA ASP A 99 -0.02 1.87 5.69
C ASP A 99 -0.67 0.53 5.31
N LYS A 100 -1.57 0.06 6.16
CA LYS A 100 -2.12 -1.29 5.98
C LYS A 100 -2.98 -1.46 4.73
N GLN A 101 -3.69 -0.41 4.33
CA GLN A 101 -4.51 -0.49 3.13
C GLN A 101 -3.64 -0.60 1.89
N LEU A 102 -2.62 0.25 1.80
CA LEU A 102 -1.75 0.21 0.63
C LEU A 102 -1.03 -1.13 0.57
N PHE A 103 -0.65 -1.66 1.72
CA PHE A 103 0.09 -2.90 1.78
C PHE A 103 -0.79 -4.06 1.28
N LEU A 104 -2.00 -4.19 1.82
CA LEU A 104 -2.91 -5.26 1.40
C LEU A 104 -3.30 -5.08 -0.06
N HIS A 105 -3.46 -3.83 -0.48
CA HIS A 105 -3.74 -3.55 -1.90
C HIS A 105 -2.68 -4.17 -2.82
N GLN A 106 -1.42 -3.97 -2.48
CA GLN A 106 -0.34 -4.53 -3.27
C GLN A 106 -0.36 -6.06 -3.27
N ARG A 107 -0.72 -6.68 -2.14
CA ARG A 107 -0.86 -8.15 -2.12
C ARG A 107 -2.00 -8.58 -3.06
N ALA A 108 -3.11 -7.84 -3.04
CA ALA A 108 -4.21 -8.09 -3.97
C ALA A 108 -3.76 -7.99 -5.43
N LEU A 109 -2.93 -7.01 -5.75
CA LEU A 109 -2.51 -6.84 -7.14
C LEU A 109 -1.69 -8.05 -7.59
N GLU A 110 -0.88 -8.61 -6.69
CA GLU A 110 -0.15 -9.83 -7.03
C GLU A 110 -1.09 -11.02 -7.28
N CYS A 111 -2.12 -11.17 -6.44
CA CYS A 111 -3.11 -12.22 -6.66
C CYS A 111 -3.79 -12.04 -8.00
N TRP A 112 -4.12 -10.78 -8.30
CA TRP A 112 -4.76 -10.46 -9.57
C TRP A 112 -3.90 -10.87 -10.74
N GLU A 113 -2.61 -10.50 -10.70
CA GLU A 113 -1.72 -10.81 -11.81
C GLU A 113 -1.57 -12.32 -11.95
N ASP A 114 -1.55 -13.04 -10.82
CA ASP A 114 -1.51 -14.50 -10.89
C ASP A 114 -2.81 -15.05 -11.41
N GLY A 115 -3.91 -14.47 -10.94
CA GLY A 115 -5.24 -14.94 -11.29
C GLY A 115 -5.57 -14.87 -12.76
N ILE A 116 -5.09 -13.84 -13.45
CA ILE A 116 -5.44 -13.74 -14.86
C ILE A 116 -4.67 -14.72 -15.74
N LYS A 117 -3.59 -15.29 -15.20
CA LYS A 117 -2.91 -16.37 -15.87
C LYS A 117 -3.52 -17.70 -15.45
N ASP A 118 -3.93 -17.81 -14.19
CA ASP A 118 -4.56 -19.05 -13.73
C ASP A 118 -5.51 -18.74 -12.59
N ILE A 119 -6.82 -18.84 -12.84
CA ILE A 119 -7.84 -18.46 -11.84
C ILE A 119 -7.64 -19.15 -10.49
N ASN A 120 -7.02 -20.32 -10.52
CA ASN A 120 -6.80 -21.11 -9.33
C ASN A 120 -5.65 -20.62 -8.47
N LYS A 121 -4.98 -19.57 -8.94
CA LYS A 121 -3.85 -19.04 -8.17
C LYS A 121 -4.08 -17.62 -7.64
N CYS A 122 -5.32 -17.17 -7.61
CA CYS A 122 -5.57 -15.78 -7.20
C CYS A 122 -5.89 -15.64 -5.71
N VAL A 123 -5.47 -16.61 -4.93
CA VAL A 123 -5.70 -16.64 -3.48
C VAL A 123 -4.38 -16.73 -2.72
N SER A 124 -4.22 -15.95 -1.64
CA SER A 124 -3.02 -16.05 -0.80
C SER A 124 -3.28 -15.41 0.57
N PHE A 125 -2.26 -15.38 1.42
CA PHE A 125 -2.41 -14.69 2.69
C PHE A 125 -1.09 -14.02 3.07
N VAL A 126 -1.16 -13.05 3.97
CA VAL A 126 0.08 -12.45 4.45
C VAL A 126 -0.05 -12.23 5.94
N ILE A 127 1.07 -12.38 6.64
CA ILE A 127 1.17 -12.07 8.05
C ILE A 127 2.16 -10.92 8.17
N ILE A 128 1.78 -9.81 8.80
CA ILE A 128 2.76 -8.80 9.15
C ILE A 128 3.04 -8.97 10.64
N SER A 129 4.28 -8.79 11.05
CA SER A 129 4.61 -9.04 12.43
C SER A 129 5.67 -8.14 13.00
N PHE A 130 5.66 -8.04 14.32
CA PHE A 130 6.79 -7.52 15.08
C PHE A 130 7.03 -8.45 16.28
N ALA A 131 8.24 -8.98 16.37
CA ALA A 131 8.62 -9.89 17.45
C ALA A 131 9.45 -9.15 18.48
N ASP A 132 8.89 -8.96 19.67
CA ASP A 132 9.61 -8.31 20.76
C ASP A 132 10.28 -9.37 21.60
N LEU A 133 11.50 -9.73 21.21
CA LEU A 133 12.23 -10.82 21.86
C LEU A 133 12.76 -10.43 23.25
N LYS A 134 12.59 -9.16 23.61
CA LYS A 134 13.00 -8.70 24.92
C LYS A 134 11.91 -9.07 25.93
N LYS A 135 10.66 -8.84 25.55
CA LYS A 135 9.53 -9.15 26.43
C LYS A 135 8.89 -10.48 26.06
N TYR A 136 9.41 -11.13 25.02
CA TYR A 136 8.80 -12.30 24.38
C TYR A 136 7.30 -12.18 24.12
N ARG A 137 6.93 -11.04 23.53
CA ARG A 137 5.58 -10.74 23.10
C ARG A 137 5.61 -10.60 21.58
N PHE A 138 4.61 -11.15 20.91
CA PHE A 138 4.59 -11.17 19.45
C PHE A 138 3.33 -10.49 18.96
N TYR A 139 3.52 -9.46 18.15
CA TYR A 139 2.39 -8.75 17.53
C TYR A 139 2.29 -9.21 16.08
N TYR A 140 1.09 -9.53 15.63
CA TYR A 140 0.94 -9.96 14.26
C TYR A 140 -0.43 -9.58 13.74
N TRP A 141 -0.57 -9.58 12.43
CA TRP A 141 -1.85 -9.28 11.83
C TRP A 141 -1.92 -10.09 10.55
N LEU A 142 -2.93 -10.93 10.45
CA LEU A 142 -3.18 -11.70 9.23
C LEU A 142 -4.00 -10.88 8.24
N GLY A 143 -3.56 -10.86 6.98
CA GLY A 143 -4.36 -10.28 5.91
C GLY A 143 -4.62 -11.33 4.82
N VAL A 144 -5.84 -11.38 4.32
CA VAL A 144 -6.20 -12.26 3.19
C VAL A 144 -6.78 -11.39 2.09
N PRO A 145 -5.96 -11.07 1.06
CA PRO A 145 -6.46 -10.07 0.11
C PRO A 145 -7.67 -10.59 -0.66
N CYS A 146 -8.78 -9.90 -0.50
CA CYS A 146 -10.00 -10.26 -1.21
C CYS A 146 -10.37 -9.03 -1.99
N PHE A 147 -10.47 -9.15 -3.30
CA PHE A 147 -10.59 -7.98 -4.15
C PHE A 147 -11.71 -8.07 -5.14
N GLN A 148 -12.28 -6.91 -5.41
CA GLN A 148 -13.26 -6.78 -6.46
CA GLN A 148 -13.31 -6.68 -6.38
C GLN A 148 -12.70 -5.80 -7.49
N ARG A 149 -12.47 -6.35 -8.68
CA ARG A 149 -11.98 -5.54 -9.80
CA ARG A 149 -11.98 -5.55 -9.81
C ARG A 149 -12.84 -5.78 -11.02
N PRO A 150 -13.43 -4.70 -11.58
CA PRO A 150 -13.31 -3.32 -11.09
C PRO A 150 -14.06 -3.16 -9.78
N SER A 151 -13.78 -2.08 -9.06
CA SER A 151 -14.32 -1.91 -7.71
C SER A 151 -15.82 -1.68 -7.79
N SER A 152 -16.30 -1.35 -8.98
CA SER A 152 -17.71 -1.04 -9.19
C SER A 152 -18.60 -2.29 -9.27
N THR A 153 -17.99 -3.46 -9.50
CA THR A 153 -18.78 -4.67 -9.75
C THR A 153 -19.37 -5.25 -8.47
N VAL A 154 -20.68 -5.49 -8.47
CA VAL A 154 -21.33 -6.22 -7.39
C VAL A 154 -22.14 -7.35 -8.04
N LEU A 155 -22.75 -8.20 -7.22
CA LEU A 155 -23.49 -9.34 -7.73
C LEU A 155 -24.88 -9.34 -7.14
N HIS A 156 -25.89 -9.41 -8.00
CA HIS A 156 -27.27 -9.64 -7.55
C HIS A 156 -27.47 -11.15 -7.50
N VAL A 157 -28.10 -11.65 -6.43
CA VAL A 157 -28.33 -13.08 -6.32
C VAL A 157 -29.72 -13.43 -5.79
N ARG A 158 -30.18 -14.60 -6.17
CA ARG A 158 -31.30 -15.22 -5.50
C ARG A 158 -31.07 -16.72 -5.47
N PRO A 159 -31.62 -17.40 -4.45
CA PRO A 159 -31.47 -18.84 -4.25
C PRO A 159 -31.79 -19.64 -5.51
N GLU A 160 -31.07 -20.74 -5.72
CA GLU A 160 -31.34 -21.64 -6.84
C GLU A 160 -31.38 -23.08 -6.36
N PRO A 161 -32.56 -23.58 -5.98
CA PRO A 161 -32.68 -24.93 -5.42
C PRO A 161 -32.33 -26.01 -6.44
N SER A 162 -32.74 -25.81 -7.68
CA SER A 162 -32.64 -26.80 -8.74
C SER A 162 -31.25 -27.45 -8.93
N LEU A 163 -30.20 -26.79 -8.46
CA LEU A 163 -28.84 -27.28 -8.70
C LEU A 163 -28.27 -28.10 -7.54
N LYS A 164 -29.12 -28.42 -6.57
CA LYS A 164 -28.69 -29.23 -5.43
C LYS A 164 -28.02 -30.55 -5.83
N GLY A 165 -28.49 -31.16 -6.93
CA GLY A 165 -27.92 -32.41 -7.41
C GLY A 165 -26.41 -32.40 -7.72
N LEU A 166 -25.91 -31.28 -8.24
CA LEU A 166 -24.50 -31.18 -8.58
C LEU A 166 -23.53 -31.14 -7.37
N PHE A 167 -24.04 -30.94 -6.15
CA PHE A 167 -23.14 -30.63 -5.04
C PHE A 167 -22.14 -31.72 -4.70
N SER A 168 -22.61 -32.96 -4.63
CA SER A 168 -21.74 -34.07 -4.23
C SER A 168 -20.69 -34.35 -5.29
N LYS A 169 -21.04 -34.15 -6.56
CA LYS A 169 -20.07 -34.28 -7.65
C LYS A 169 -18.94 -33.26 -7.54
N CYS A 170 -19.30 -32.00 -7.23
CA CYS A 170 -18.30 -30.95 -6.99
C CYS A 170 -17.45 -31.25 -5.77
N GLN A 171 -18.11 -31.70 -4.70
CA GLN A 171 -17.39 -32.01 -3.48
C GLN A 171 -16.30 -33.00 -3.78
N LYS A 172 -16.62 -34.05 -4.54
CA LYS A 172 -15.63 -35.07 -4.82
C LYS A 172 -14.58 -34.58 -5.82
N TRP A 173 -15.02 -33.80 -6.80
CA TRP A 173 -14.08 -33.22 -7.78
C TRP A 173 -13.03 -32.37 -7.06
N PHE A 174 -13.48 -31.49 -6.16
CA PHE A 174 -12.56 -30.68 -5.35
C PHE A 174 -11.64 -31.50 -4.45
N ASP A 175 -12.16 -32.58 -3.84
CA ASP A 175 -11.31 -33.42 -2.99
C ASP A 175 -10.12 -33.93 -3.76
N VAL A 176 -10.37 -34.42 -4.97
CA VAL A 176 -9.32 -35.00 -5.78
C VAL A 176 -8.40 -33.89 -6.33
N ASN A 177 -8.99 -32.81 -6.81
CA ASN A 177 -8.24 -31.75 -7.45
C ASN A 177 -7.84 -30.68 -6.44
N TYR A 178 -6.90 -31.06 -5.55
CA TYR A 178 -6.60 -30.32 -4.32
C TYR A 178 -5.96 -28.98 -4.59
N SER A 179 -5.49 -28.77 -5.82
CA SER A 179 -4.88 -27.48 -6.13
C SER A 179 -5.86 -26.52 -6.78
N LYS A 180 -7.11 -26.93 -6.93
CA LYS A 180 -8.07 -26.10 -7.65
C LYS A 180 -9.08 -25.47 -6.71
N TRP A 181 -9.45 -24.23 -7.00
CA TRP A 181 -10.43 -23.47 -6.24
C TRP A 181 -11.73 -23.34 -7.01
N VAL A 182 -11.66 -23.55 -8.32
CA VAL A 182 -12.81 -23.33 -9.19
C VAL A 182 -13.01 -24.54 -10.13
N CYS A 183 -14.25 -24.85 -10.43
CA CYS A 183 -14.57 -25.76 -11.51
C CYS A 183 -15.84 -25.25 -12.19
N ILE A 184 -16.15 -25.80 -13.35
CA ILE A 184 -17.31 -25.34 -14.10
C ILE A 184 -17.97 -26.57 -14.73
N LEU A 185 -19.21 -26.40 -15.17
CA LEU A 185 -19.88 -27.44 -15.96
C LEU A 185 -19.55 -27.31 -17.43
N ASP A 186 -19.35 -28.43 -18.11
CA ASP A 186 -19.20 -28.37 -19.56
C ASP A 186 -20.55 -28.62 -20.22
N ALA A 187 -20.58 -28.72 -21.53
CA ALA A 187 -21.86 -28.85 -22.25
C ALA A 187 -22.60 -30.15 -21.94
N ASP A 188 -21.89 -31.16 -21.46
CA ASP A 188 -22.52 -32.43 -21.09
C ASP A 188 -22.85 -32.51 -19.61
N ASP A 189 -22.83 -31.35 -18.93
CA ASP A 189 -23.04 -31.32 -17.48
C ASP A 189 -22.02 -32.11 -16.68
N GLU A 190 -20.82 -32.30 -17.20
CA GLU A 190 -19.73 -32.87 -16.40
C GLU A 190 -18.91 -31.72 -15.81
N ILE A 191 -18.27 -31.96 -14.67
CA ILE A 191 -17.41 -30.96 -14.02
C ILE A 191 -16.05 -30.96 -14.68
N VAL A 192 -15.57 -29.79 -15.08
CA VAL A 192 -14.20 -29.72 -15.64
C VAL A 192 -13.51 -28.50 -15.09
N ASN A 193 -12.20 -28.42 -15.34
CA ASN A 193 -11.43 -27.26 -14.95
C ASN A 193 -11.96 -26.00 -15.61
N TYR A 194 -11.81 -24.88 -14.92
CA TYR A 194 -12.18 -23.60 -15.49
C TYR A 194 -11.52 -23.39 -16.84
N ASP A 195 -12.30 -22.95 -17.81
CA ASP A 195 -11.81 -22.64 -19.13
C ASP A 195 -12.77 -21.58 -19.65
N LYS A 196 -12.24 -20.41 -19.97
CA LYS A 196 -13.10 -19.28 -20.29
C LYS A 196 -13.96 -19.50 -21.54
N CYS A 197 -13.46 -20.30 -22.49
CA CYS A 197 -14.26 -20.57 -23.69
C CYS A 197 -15.47 -21.43 -23.35
N ILE A 198 -15.34 -22.32 -22.37
CA ILE A 198 -16.46 -23.19 -21.96
C ILE A 198 -17.50 -22.49 -21.07
N ILE A 199 -17.05 -21.74 -20.05
CA ILE A 199 -18.00 -21.14 -19.12
C ILE A 199 -18.80 -20.04 -19.81
N ARG A 200 -18.18 -19.43 -20.81
CA ARG A 200 -18.84 -18.43 -21.64
C ARG A 200 -20.13 -19.01 -22.22
N LYS A 201 -20.14 -20.32 -22.48
CA LYS A 201 -21.29 -20.99 -23.04
C LYS A 201 -22.18 -21.66 -22.00
N THR A 202 -21.59 -22.30 -20.99
CA THR A 202 -22.37 -23.05 -20.01
C THR A 202 -22.79 -22.21 -18.79
N LYS A 203 -21.98 -21.23 -18.43
CA LYS A 203 -22.41 -20.25 -17.44
C LYS A 203 -22.77 -20.90 -16.11
N VAL A 204 -22.00 -21.90 -15.72
CA VAL A 204 -22.11 -22.48 -14.39
C VAL A 204 -20.75 -22.59 -13.77
N LEU A 205 -20.56 -21.95 -12.62
CA LEU A 205 -19.26 -21.96 -11.98
C LEU A 205 -19.40 -22.47 -10.54
N ALA A 206 -18.49 -23.31 -10.10
CA ALA A 206 -18.45 -23.74 -8.71
C ALA A 206 -17.19 -23.26 -8.01
N ILE A 207 -17.31 -22.84 -6.76
CA ILE A 207 -16.17 -22.35 -6.02
C ILE A 207 -16.02 -23.17 -4.76
N ARG A 208 -14.79 -23.54 -4.48
CA ARG A 208 -14.43 -24.15 -3.22
C ARG A 208 -14.50 -23.11 -2.12
N ASP A 209 -15.47 -23.23 -1.23
CA ASP A 209 -15.72 -22.19 -0.24
C ASP A 209 -15.03 -22.51 1.08
N THR A 210 -14.51 -21.48 1.75
CA THR A 210 -13.81 -21.65 3.02
C THR A 210 -14.62 -21.19 4.22
N SER A 211 -15.82 -20.67 3.99
CA SER A 211 -16.68 -20.24 5.08
C SER A 211 -17.69 -21.33 5.42
N THR A 212 -18.21 -21.31 6.64
CA THR A 212 -19.31 -22.22 7.01
C THR A 212 -20.58 -21.44 7.37
N MET A 213 -20.51 -20.12 7.24
CA MET A 213 -21.67 -19.28 7.54
C MET A 213 -22.81 -19.57 6.57
N GLU A 214 -23.98 -19.84 7.14
CA GLU A 214 -25.13 -20.28 6.37
C GLU A 214 -25.46 -19.29 5.26
N ASN A 215 -25.48 -19.78 4.03
CA ASN A 215 -25.86 -18.95 2.89
C ASN A 215 -25.00 -17.71 2.66
N VAL A 216 -23.84 -17.64 3.29
CA VAL A 216 -22.92 -16.51 3.06
C VAL A 216 -21.54 -17.05 2.65
N PRO A 217 -21.16 -16.83 1.39
CA PRO A 217 -19.88 -17.34 0.87
C PRO A 217 -18.70 -16.53 1.39
N SER A 218 -17.53 -17.17 1.36
CA SER A 218 -16.27 -16.53 1.70
C SER A 218 -15.95 -15.34 0.79
N ALA A 219 -15.33 -14.30 1.35
CA ALA A 219 -14.93 -13.12 0.57
C ALA A 219 -13.94 -13.44 -0.54
N LEU A 220 -13.30 -14.60 -0.51
CA LEU A 220 -12.41 -14.98 -1.61
C LEU A 220 -13.21 -15.09 -2.90
N THR A 221 -14.53 -15.28 -2.78
CA THR A 221 -15.39 -15.38 -3.97
C THR A 221 -15.20 -14.18 -4.89
N LYS A 222 -14.97 -13.01 -4.29
CA LYS A 222 -14.77 -11.80 -5.07
C LYS A 222 -13.55 -11.92 -5.99
N ASN A 223 -12.48 -12.59 -5.53
CA ASN A 223 -11.28 -12.76 -6.34
C ASN A 223 -11.63 -13.52 -7.61
N PHE A 224 -12.33 -14.63 -7.43
CA PHE A 224 -12.67 -15.50 -8.54
C PHE A 224 -13.64 -14.80 -9.49
N LEU A 225 -14.61 -14.07 -8.93
CA LEU A 225 -15.59 -13.41 -9.79
C LEU A 225 -14.91 -12.33 -10.63
N SER A 226 -13.90 -11.68 -10.05
CA SER A 226 -13.17 -10.61 -10.76
C SER A 226 -12.44 -11.18 -11.98
N VAL A 227 -11.78 -12.31 -11.79
CA VAL A 227 -11.09 -12.98 -12.88
C VAL A 227 -12.13 -13.44 -13.92
N LEU A 228 -13.24 -14.03 -13.46
CA LEU A 228 -14.30 -14.43 -14.37
C LEU A 228 -14.75 -13.27 -15.25
N GLN A 229 -14.96 -12.10 -14.64
CA GLN A 229 -15.49 -10.96 -15.40
C GLN A 229 -14.47 -10.39 -16.38
N TYR A 230 -13.20 -10.46 -16.01
CA TYR A 230 -12.10 -10.09 -16.91
C TYR A 230 -12.06 -11.01 -18.13
N ASP A 231 -12.19 -12.31 -17.89
CA ASP A 231 -12.20 -13.30 -18.97
C ASP A 231 -13.44 -13.24 -19.83
N VAL A 232 -14.60 -12.98 -19.23
CA VAL A 232 -15.85 -12.97 -19.97
C VAL A 232 -16.62 -11.68 -19.70
N PRO A 233 -16.14 -10.54 -20.26
CA PRO A 233 -16.57 -9.18 -19.90
C PRO A 233 -18.05 -8.90 -20.14
N ASP A 234 -18.66 -9.64 -21.03
CA ASP A 234 -20.07 -9.44 -21.31
C ASP A 234 -20.95 -10.49 -20.64
N LEU A 235 -20.39 -11.28 -19.73
CA LEU A 235 -21.22 -12.24 -19.01
C LEU A 235 -22.14 -11.47 -18.07
N ILE A 236 -23.43 -11.79 -18.08
CA ILE A 236 -24.38 -11.08 -17.22
C ILE A 236 -24.96 -12.03 -16.19
N ASP A 237 -25.79 -12.98 -16.66
CA ASP A 237 -26.43 -13.96 -15.79
C ASP A 237 -25.65 -15.27 -15.82
N PHE A 238 -25.56 -15.93 -14.68
CA PHE A 238 -24.88 -17.21 -14.59
C PHE A 238 -25.26 -17.86 -13.28
N LYS A 239 -24.85 -19.11 -13.10
CA LYS A 239 -25.14 -19.84 -11.89
C LYS A 239 -23.88 -20.00 -11.08
N LEU A 240 -23.98 -19.76 -9.76
CA LEU A 240 -22.81 -19.78 -8.89
C LEU A 240 -23.06 -20.85 -7.84
N LEU A 241 -22.20 -21.87 -7.78
CA LEU A 241 -22.35 -22.90 -6.76
C LEU A 241 -21.28 -22.67 -5.71
N ILE A 242 -21.71 -22.65 -4.45
CA ILE A 242 -20.79 -22.44 -3.34
C ILE A 242 -20.65 -23.79 -2.66
N ILE A 243 -19.49 -24.40 -2.81
CA ILE A 243 -19.31 -25.80 -2.46
C ILE A 243 -18.54 -25.93 -1.15
N ARG A 244 -19.17 -26.61 -0.20
CA ARG A 244 -18.56 -26.87 1.09
C ARG A 244 -18.53 -28.36 1.32
N GLN A 245 -17.62 -28.81 2.19
CA GLN A 245 -17.47 -30.24 2.46
C GLN A 245 -18.37 -30.72 3.62
N ASN A 246 -19.21 -29.84 4.11
CA ASN A 246 -20.31 -30.22 5.00
C ASN A 246 -21.61 -30.24 4.20
N GLU A 247 -22.73 -30.06 4.88
CA GLU A 247 -24.03 -30.10 4.22
C GLU A 247 -24.50 -28.72 3.75
N GLY A 248 -23.66 -27.70 3.92
CA GLY A 248 -24.09 -26.34 3.68
C GLY A 248 -23.79 -25.73 2.31
N SER A 249 -23.50 -26.57 1.32
CA SER A 249 -23.30 -26.03 -0.04
C SER A 249 -24.61 -25.38 -0.47
N PHE A 250 -24.56 -24.37 -1.32
CA PHE A 250 -25.78 -23.77 -1.83
C PHE A 250 -25.51 -23.18 -3.21
N ALA A 251 -26.58 -22.90 -3.94
CA ALA A 251 -26.45 -22.43 -5.31
C ALA A 251 -27.19 -21.11 -5.46
N LEU A 252 -26.65 -20.26 -6.32
CA LEU A 252 -27.23 -18.95 -6.55
C LEU A 252 -27.44 -18.69 -8.03
N ASN A 253 -28.57 -18.08 -8.35
CA ASN A 253 -28.76 -17.44 -9.64
C ASN A 253 -28.13 -16.05 -9.55
N ALA A 254 -27.05 -15.82 -10.28
CA ALA A 254 -26.27 -14.58 -10.13
C ALA A 254 -26.30 -13.70 -11.37
N THR A 255 -26.18 -12.39 -11.14
CA THR A 255 -26.15 -11.39 -12.19
C THR A 255 -25.11 -10.33 -11.84
N PHE A 256 -24.19 -10.05 -12.76
CA PHE A 256 -23.20 -9.01 -12.53
C PHE A 256 -23.91 -7.68 -12.68
N ALA A 257 -23.68 -6.80 -11.71
CA ALA A 257 -24.22 -5.45 -11.80
C ALA A 257 -23.10 -4.49 -11.43
N SER A 258 -23.33 -3.19 -11.59
CA SER A 258 -22.28 -2.24 -11.26
C SER A 258 -22.82 -1.01 -10.54
N ILE A 259 -22.00 -0.49 -9.64
CA ILE A 259 -22.28 0.77 -8.98
C ILE A 259 -21.18 1.77 -9.32
N ASP A 260 -21.58 2.90 -9.89
CA ASP A 260 -20.67 3.98 -10.25
C ASP A 260 -19.48 3.50 -11.09
N PRO A 261 -19.75 2.88 -12.24
CA PRO A 261 -18.65 2.34 -13.03
C PRO A 261 -17.78 3.45 -13.62
N GLN A 262 -16.51 3.16 -13.84
CA GLN A 262 -15.60 4.10 -14.47
C GLN A 262 -15.88 4.11 -15.96
N SER A 263 -15.44 5.17 -16.64
CA SER A 263 -15.59 5.27 -18.09
C SER A 263 -14.92 4.06 -18.75
N SER A 264 -15.59 3.49 -19.75
CA SER A 264 -15.05 2.35 -20.46
C SER A 264 -13.64 2.65 -20.97
N SER A 265 -12.78 1.63 -20.96
CA SER A 265 -11.41 1.77 -21.45
C SER A 265 -10.55 2.71 -20.59
N SER A 266 -10.92 2.85 -19.32
CA SER A 266 -10.03 3.41 -18.32
C SER A 266 -9.38 2.23 -17.59
N ASN A 267 -8.26 2.48 -16.93
CA ASN A 267 -7.58 1.45 -16.14
C ASN A 267 -8.42 1.05 -14.93
N PRO A 268 -9.08 -0.13 -14.99
CA PRO A 268 -10.02 -0.43 -13.90
C PRO A 268 -9.36 -0.51 -12.51
N ASP A 269 -9.98 0.12 -11.51
CA ASP A 269 -9.44 0.09 -10.15
C ASP A 269 -9.90 -1.16 -9.40
N MET A 270 -9.41 -1.34 -8.18
CA MET A 270 -9.90 -2.46 -7.38
C MET A 270 -10.15 -2.03 -5.96
N LYS A 271 -11.15 -2.67 -5.36
CA LYS A 271 -11.47 -2.49 -3.96
C LYS A 271 -10.97 -3.71 -3.21
N VAL A 272 -10.27 -3.49 -2.10
CA VAL A 272 -9.60 -4.59 -1.42
C VAL A 272 -9.96 -4.60 0.06
N SER A 273 -10.28 -5.76 0.60
CA SER A 273 -10.45 -5.89 2.04
C SER A 273 -9.78 -7.19 2.46
N GLY A 274 -9.82 -7.51 3.76
CA GLY A 274 -9.28 -8.78 4.18
C GLY A 274 -8.35 -8.82 5.38
N TRP A 275 -8.11 -7.69 6.05
CA TRP A 275 -7.42 -7.70 7.34
C TRP A 275 -8.30 -8.45 8.36
N GLU A 276 -7.70 -9.34 9.14
CA GLU A 276 -8.44 -10.11 10.13
C GLU A 276 -8.83 -9.25 11.34
N ARG A 277 -10.02 -9.49 11.87
CA ARG A 277 -10.44 -8.79 13.08
C ARG A 277 -9.82 -9.41 14.33
N ASN A 278 -9.56 -8.59 15.35
CA ASN A 278 -8.88 -9.11 16.54
C ASN A 278 -9.82 -9.61 17.64
N VAL A 279 -9.28 -9.77 18.85
CA VAL A 279 -10.01 -10.32 19.97
C VAL A 279 -11.26 -9.49 20.32
N GLN A 280 -11.19 -8.18 20.11
CA GLN A 280 -12.33 -7.31 20.37
C GLN A 280 -13.21 -7.09 19.13
N GLY A 281 -12.94 -7.83 18.06
CA GLY A 281 -13.69 -7.67 16.81
C GLY A 281 -13.32 -6.40 16.05
N LYS A 282 -12.18 -5.82 16.38
CA LYS A 282 -11.69 -4.64 15.67
C LYS A 282 -10.66 -4.98 14.59
N LEU A 283 -10.56 -4.13 13.58
CA LEU A 283 -9.50 -4.24 12.59
C LEU A 283 -8.21 -3.72 13.22
N ALA A 284 -7.54 -4.62 13.93
CA ALA A 284 -6.32 -4.29 14.66
C ALA A 284 -5.53 -5.57 14.89
N PRO A 285 -4.23 -5.44 15.18
CA PRO A 285 -3.35 -6.59 15.31
C PRO A 285 -3.73 -7.46 16.49
N ARG A 286 -3.27 -8.71 16.47
CA ARG A 286 -3.36 -9.59 17.62
C ARG A 286 -2.01 -9.58 18.33
N VAL A 287 -2.01 -9.95 19.61
CA VAL A 287 -0.80 -9.99 20.44
C VAL A 287 -0.76 -11.30 21.24
N VAL A 288 0.41 -11.91 21.31
CA VAL A 288 0.59 -13.19 22.00
C VAL A 288 1.83 -13.11 22.89
N ASP A 289 1.75 -13.70 24.09
CA ASP A 289 2.85 -13.68 25.06
C ASP A 289 3.41 -15.09 25.26
N LEU A 290 4.71 -15.26 25.12
CA LEU A 290 5.32 -16.58 25.30
C LEU A 290 6.06 -16.72 26.61
N GLU B 6 2.86 35.21 17.40
CA GLU B 6 3.79 35.18 16.29
C GLU B 6 5.00 34.31 16.60
N ARG B 7 4.93 33.04 16.19
CA ARG B 7 6.04 32.11 16.39
C ARG B 7 6.78 31.86 15.08
N VAL B 8 7.90 31.16 15.18
CA VAL B 8 8.66 30.76 13.99
C VAL B 8 8.07 29.48 13.42
N LEU B 9 7.90 29.43 12.10
CA LEU B 9 7.33 28.26 11.44
C LEU B 9 8.31 27.10 11.45
N SER B 10 7.82 25.92 11.80
CA SER B 10 8.64 24.71 11.81
C SER B 10 8.01 23.60 10.96
N TYR B 11 8.85 22.71 10.43
CA TYR B 11 8.38 21.75 9.44
C TYR B 11 8.66 20.31 9.82
N ALA B 12 7.93 19.41 9.17
CA ALA B 12 8.13 17.97 9.33
C ALA B 12 8.57 17.36 8.01
N PRO B 13 9.19 16.15 8.07
CA PRO B 13 9.56 15.47 6.83
C PRO B 13 8.35 15.30 5.93
N ALA B 14 8.55 15.45 4.63
CA ALA B 14 7.45 15.41 3.67
C ALA B 14 6.83 14.02 3.58
N PHE B 15 7.69 12.99 3.61
CA PHE B 15 7.25 11.61 3.36
C PHE B 15 7.91 10.60 4.27
N LYS B 16 7.33 9.41 4.33
CA LYS B 16 8.01 8.28 4.91
C LYS B 16 7.99 7.16 3.88
N SER B 17 9.15 6.64 3.55
CA SER B 17 9.21 5.62 2.51
C SER B 17 8.74 4.29 3.06
N PHE B 18 8.20 3.48 2.17
CA PHE B 18 8.16 2.05 2.39
C PHE B 18 8.51 1.35 1.08
N LEU B 19 9.49 0.46 1.14
CA LEU B 19 9.90 -0.32 -0.01
C LEU B 19 9.17 -1.64 0.02
N ASP B 20 8.16 -1.80 -0.82
CA ASP B 20 7.38 -3.03 -0.85
C ASP B 20 8.20 -4.14 -1.51
N THR B 21 7.94 -5.38 -1.16
CA THR B 21 8.70 -6.48 -1.74
C THR B 21 8.56 -6.56 -3.26
N SER B 22 7.41 -6.11 -3.77
CA SER B 22 7.17 -6.14 -5.21
C SER B 22 8.17 -5.25 -5.93
N PHE B 23 8.70 -4.26 -5.21
CA PHE B 23 9.72 -3.39 -5.79
C PHE B 23 10.81 -4.27 -6.38
N PHE B 24 11.03 -5.44 -5.77
CA PHE B 24 12.12 -6.32 -6.20
C PHE B 24 11.82 -7.21 -7.39
N GLN B 25 10.56 -7.31 -7.79
CA GLN B 25 10.24 -7.96 -9.08
C GLN B 25 11.04 -7.26 -10.17
N GLU B 26 11.53 -6.06 -9.87
CA GLU B 26 12.20 -5.25 -10.89
C GLU B 26 13.73 -5.26 -10.76
N LEU B 27 14.28 -6.18 -9.98
CA LEU B 27 15.73 -6.26 -9.82
C LEU B 27 16.44 -6.29 -11.16
N SER B 28 15.82 -6.91 -12.16
CA SER B 28 16.40 -6.99 -13.51
C SER B 28 16.90 -5.63 -14.02
N ARG B 29 16.12 -4.58 -13.76
CA ARG B 29 16.47 -3.26 -14.25
C ARG B 29 17.77 -2.67 -13.67
N LEU B 30 18.28 -3.27 -12.59
CA LEU B 30 19.51 -2.79 -11.97
C LEU B 30 20.77 -3.36 -12.64
N LYS B 31 20.58 -4.33 -13.52
CA LYS B 31 21.67 -4.88 -14.33
C LYS B 31 22.86 -5.31 -13.48
N LEU B 32 22.57 -5.92 -12.35
CA LEU B 32 23.59 -6.38 -11.41
C LEU B 32 24.50 -7.45 -12.00
N ASP B 33 24.11 -8.05 -13.11
CA ASP B 33 24.95 -9.04 -13.78
C ASP B 33 25.89 -8.43 -14.83
N VAL B 34 25.76 -7.12 -15.06
CA VAL B 34 26.77 -6.40 -15.82
C VAL B 34 27.90 -6.00 -14.87
N LEU B 35 28.93 -6.84 -14.86
CA LEU B 35 30.05 -6.73 -13.92
C LEU B 35 30.83 -5.43 -14.01
N LYS B 36 30.86 -4.82 -15.20
CA LYS B 36 31.72 -3.66 -15.43
C LYS B 36 30.95 -2.36 -15.47
N LEU B 37 29.67 -2.44 -15.12
CA LEU B 37 28.80 -1.28 -15.04
C LEU B 37 28.91 -0.62 -13.67
N ASP B 38 29.03 0.70 -13.65
CA ASP B 38 29.13 1.45 -12.39
C ASP B 38 27.78 1.60 -11.70
N SER B 39 26.74 1.86 -12.47
CA SER B 39 25.50 2.31 -11.88
C SER B 39 24.42 2.49 -12.91
N THR B 40 23.19 2.56 -12.41
CA THR B 40 22.03 2.79 -13.25
C THR B 40 21.23 3.87 -12.58
N CYS B 41 20.56 4.69 -13.38
CA CYS B 41 19.68 5.71 -12.86
C CYS B 41 18.42 5.65 -13.70
N GLN B 42 17.27 5.51 -13.05
CA GLN B 42 16.03 5.46 -13.82
C GLN B 42 14.86 6.11 -13.08
N PRO B 43 13.90 6.61 -13.84
CA PRO B 43 12.83 7.39 -13.23
C PRO B 43 11.86 6.53 -12.45
N LEU B 44 11.22 7.13 -11.47
CA LEU B 44 10.22 6.46 -10.66
C LEU B 44 9.04 7.42 -10.60
N THR B 45 7.85 6.87 -10.45
CA THR B 45 6.67 7.68 -10.24
C THR B 45 5.81 7.03 -9.16
N VAL B 46 5.42 7.81 -8.16
CA VAL B 46 4.50 7.31 -7.16
C VAL B 46 3.27 8.20 -7.12
N ASN B 47 2.09 7.59 -7.02
CA ASN B 47 0.86 8.35 -6.88
C ASN B 47 0.49 8.47 -5.42
N LEU B 48 0.59 9.68 -4.87
CA LEU B 48 0.30 9.89 -3.47
C LEU B 48 -1.20 9.95 -3.24
N ASP B 49 -1.68 9.19 -2.26
CA ASP B 49 -3.07 9.32 -1.83
C ASP B 49 -3.12 10.09 -0.52
N LEU B 50 -3.56 11.35 -0.58
CA LEU B 50 -3.60 12.18 0.62
C LEU B 50 -4.98 12.25 1.28
N HIS B 51 -5.98 11.61 0.67
CA HIS B 51 -7.31 11.54 1.28
C HIS B 51 -7.36 10.40 2.28
N ASN B 52 -6.41 9.46 2.18
CA ASN B 52 -6.43 8.27 3.02
C ASN B 52 -5.09 7.99 3.70
N ILE B 53 -4.61 8.96 4.47
CA ILE B 53 -3.39 8.78 5.24
C ILE B 53 -3.73 8.16 6.59
N PRO B 54 -2.95 7.16 7.03
CA PRO B 54 -3.21 6.47 8.29
C PRO B 54 -3.24 7.45 9.46
N LYS B 55 -4.11 7.20 10.43
CA LYS B 55 -4.25 8.09 11.60
C LYS B 55 -2.96 8.23 12.40
N SER B 56 -2.22 7.12 12.52
CA SER B 56 -0.96 7.13 13.26
C SER B 56 0.18 7.84 12.50
N ALA B 57 0.05 7.95 11.19
CA ALA B 57 1.12 8.55 10.37
C ALA B 57 1.31 10.05 10.62
N ASP B 58 2.55 10.49 10.48
CA ASP B 58 2.89 11.91 10.54
C ASP B 58 2.89 12.53 9.16
N GLN B 59 3.17 11.72 8.13
CA GLN B 59 3.25 12.18 6.76
C GLN B 59 2.64 11.15 5.81
N VAL B 60 2.30 11.58 4.61
CA VAL B 60 1.84 10.66 3.58
C VAL B 60 2.95 9.65 3.32
N PRO B 61 2.59 8.37 3.17
CA PRO B 61 3.60 7.35 2.84
C PRO B 61 4.11 7.47 1.42
N LEU B 62 5.40 7.23 1.23
CA LEU B 62 5.96 7.07 -0.11
C LEU B 62 6.16 5.58 -0.38
N PHE B 63 5.15 4.97 -0.98
CA PHE B 63 5.06 3.52 -1.04
C PHE B 63 5.60 3.05 -2.39
N LEU B 64 6.76 2.40 -2.37
CA LEU B 64 7.46 1.97 -3.60
C LEU B 64 7.19 0.51 -3.95
N THR B 65 6.83 0.26 -5.22
CA THR B 65 6.46 -1.07 -5.69
C THR B 65 7.01 -1.28 -7.10
N ASN B 66 6.78 -2.45 -7.67
CA ASN B 66 7.16 -2.68 -9.06
C ASN B 66 6.52 -1.67 -10.00
N ARG B 67 5.35 -1.15 -9.63
CA ARG B 67 4.63 -0.22 -10.49
C ARG B 67 5.25 1.19 -10.52
N SER B 68 6.13 1.49 -9.57
CA SER B 68 6.81 2.78 -9.53
C SER B 68 7.73 3.01 -10.74
N PHE B 69 8.22 1.91 -11.32
CA PHE B 69 9.09 1.94 -12.50
C PHE B 69 8.34 2.20 -13.80
N GLU B 70 7.02 1.98 -13.77
CA GLU B 70 6.20 2.02 -14.97
C GLU B 70 5.66 3.43 -15.19
N LYS B 71 5.26 3.71 -16.43
CA LYS B 71 4.70 5.01 -16.78
C LYS B 71 3.19 4.94 -16.85
N HIS B 72 2.53 5.08 -15.69
CA HIS B 72 1.08 5.03 -15.61
C HIS B 72 0.46 6.40 -15.85
N THR B 77 -8.22 9.74 -10.87
CA THR B 77 -8.13 9.04 -9.59
C THR B 77 -8.14 10.02 -8.42
N ASN B 78 -7.76 11.27 -8.69
CA ASN B 78 -7.67 12.32 -7.68
C ASN B 78 -6.37 12.29 -6.87
N GLU B 79 -5.60 11.22 -7.00
CA GLU B 79 -4.32 11.15 -6.30
C GLU B 79 -3.22 11.90 -7.03
N VAL B 80 -2.13 12.21 -6.33
CA VAL B 80 -1.11 13.15 -6.83
C VAL B 80 0.18 12.48 -7.27
N PRO B 81 0.48 12.54 -8.58
CA PRO B 81 1.70 11.95 -9.13
C PRO B 81 2.95 12.68 -8.63
N LEU B 82 3.94 11.90 -8.21
CA LEU B 82 5.18 12.46 -7.70
C LEU B 82 6.36 11.79 -8.41
N GLN B 83 7.17 12.60 -9.08
CA GLN B 83 8.26 12.11 -9.89
C GLN B 83 9.55 11.99 -9.10
N GLY B 84 10.32 10.94 -9.38
CA GLY B 84 11.59 10.76 -8.72
C GLY B 84 12.48 9.85 -9.53
N SER B 85 13.50 9.31 -8.89
CA SER B 85 14.40 8.41 -9.59
C SER B 85 15.12 7.55 -8.60
N ILE B 86 15.62 6.42 -9.07
CA ILE B 86 16.49 5.60 -8.25
C ILE B 86 17.85 5.49 -8.88
N PHE B 87 18.88 5.85 -8.12
CA PHE B 87 20.28 5.76 -8.54
CA PHE B 87 20.25 5.72 -8.58
C PHE B 87 20.86 4.55 -7.84
N ASN B 88 21.15 3.48 -8.57
CA ASN B 88 21.71 2.29 -7.93
C ASN B 88 23.16 2.10 -8.28
N PHE B 89 23.98 1.85 -7.26
CA PHE B 89 25.43 1.69 -7.44
C PHE B 89 25.75 0.22 -7.45
N ASN B 90 26.50 -0.24 -8.45
CA ASN B 90 26.93 -1.63 -8.46
C ASN B 90 28.08 -1.87 -7.49
N VAL B 91 28.65 -0.80 -6.95
CA VAL B 91 29.83 -0.88 -6.09
C VAL B 91 29.61 -0.22 -4.73
N LEU B 92 29.90 -0.97 -3.67
CA LEU B 92 29.70 -0.53 -2.30
C LEU B 92 30.37 0.81 -1.98
N ASP B 93 31.68 0.90 -2.20
CA ASP B 93 32.46 2.07 -1.84
C ASP B 93 31.87 3.36 -2.42
N GLU B 94 31.43 3.29 -3.67
CA GLU B 94 30.79 4.41 -4.33
C GLU B 94 29.49 4.87 -3.66
N PHE B 95 28.61 3.92 -3.35
CA PHE B 95 27.43 4.19 -2.54
C PHE B 95 27.90 4.81 -1.24
N LYS B 96 28.84 4.14 -0.58
CA LYS B 96 29.33 4.59 0.71
C LYS B 96 29.92 6.00 0.67
N ASN B 97 30.86 6.22 -0.25
CA ASN B 97 31.61 7.48 -0.30
C ASN B 97 30.97 8.66 -1.04
N LEU B 98 29.85 8.42 -1.73
CA LEU B 98 29.10 9.52 -2.34
C LEU B 98 28.93 10.68 -1.33
N ASP B 99 29.25 11.89 -1.75
CA ASP B 99 29.06 13.04 -0.87
C ASP B 99 27.58 13.36 -0.88
N LYS B 100 26.92 13.09 0.23
CA LYS B 100 25.47 13.04 0.27
C LYS B 100 24.87 14.44 0.21
N GLN B 101 25.56 15.40 0.81
CA GLN B 101 25.12 16.79 0.77
C GLN B 101 25.26 17.37 -0.65
N LEU B 102 26.43 17.21 -1.25
CA LEU B 102 26.61 17.62 -2.64
C LEU B 102 25.56 16.99 -3.54
N PHE B 103 25.33 15.69 -3.34
CA PHE B 103 24.36 14.98 -4.18
C PHE B 103 22.96 15.56 -4.03
N LEU B 104 22.49 15.66 -2.78
CA LEU B 104 21.15 16.22 -2.54
C LEU B 104 21.08 17.70 -2.98
N HIS B 105 22.19 18.41 -2.83
CA HIS B 105 22.23 19.81 -3.28
C HIS B 105 22.02 19.91 -4.79
N GLN B 106 22.69 19.05 -5.56
CA GLN B 106 22.45 19.00 -6.99
C GLN B 106 20.97 18.71 -7.31
N ARG B 107 20.33 17.82 -6.56
CA ARG B 107 18.92 17.50 -6.82
C ARG B 107 18.05 18.72 -6.50
N ALA B 108 18.35 19.40 -5.40
CA ALA B 108 17.65 20.63 -5.04
C ALA B 108 17.77 21.73 -6.10
N LEU B 109 18.98 21.95 -6.61
CA LEU B 109 19.17 22.93 -7.69
C LEU B 109 18.28 22.64 -8.90
N GLU B 110 18.13 21.36 -9.23
CA GLU B 110 17.23 20.97 -10.31
C GLU B 110 15.77 21.32 -10.00
N CYS B 111 15.36 21.10 -8.74
CA CYS B 111 14.00 21.48 -8.32
C CYS B 111 13.84 23.00 -8.35
N TRP B 112 14.86 23.71 -7.88
CA TRP B 112 14.88 25.17 -7.94
C TRP B 112 14.70 25.66 -9.37
N GLU B 113 15.49 25.10 -10.28
CA GLU B 113 15.45 25.49 -11.69
C GLU B 113 14.11 25.15 -12.33
N ASP B 114 13.46 24.10 -11.84
CA ASP B 114 12.12 23.75 -12.32
C ASP B 114 11.09 24.70 -11.72
N GLY B 115 11.30 25.03 -10.45
CA GLY B 115 10.35 25.86 -9.71
C GLY B 115 10.21 27.27 -10.26
N ILE B 116 11.33 27.92 -10.55
CA ILE B 116 11.28 29.30 -11.02
C ILE B 116 10.65 29.41 -12.41
N LYS B 117 10.48 28.27 -13.08
CA LYS B 117 9.71 28.23 -14.31
C LYS B 117 8.24 27.89 -14.03
N ASP B 118 8.02 26.88 -13.20
CA ASP B 118 6.68 26.44 -12.82
C ASP B 118 6.64 25.98 -11.37
N ILE B 119 6.11 26.82 -10.48
CA ILE B 119 6.16 26.58 -9.04
C ILE B 119 5.66 25.19 -8.63
N ASN B 120 4.81 24.59 -9.46
CA ASN B 120 4.25 23.29 -9.14
C ASN B 120 5.18 22.13 -9.51
N LYS B 121 6.38 22.45 -10.01
CA LYS B 121 7.29 21.43 -10.49
C LYS B 121 8.59 21.33 -9.69
N CYS B 122 8.63 21.94 -8.52
CA CYS B 122 9.84 21.95 -7.71
C CYS B 122 9.84 20.90 -6.60
N VAL B 123 9.09 19.83 -6.80
CA VAL B 123 9.00 18.76 -5.82
C VAL B 123 9.39 17.43 -6.46
N SER B 124 10.30 16.70 -5.81
CA SER B 124 10.70 15.40 -6.32
C SER B 124 11.29 14.54 -5.20
N PHE B 125 11.80 13.38 -5.57
CA PHE B 125 12.50 12.55 -4.62
C PHE B 125 13.58 11.76 -5.31
N VAL B 126 14.54 11.27 -4.55
CA VAL B 126 15.55 10.41 -5.09
C VAL B 126 15.82 9.30 -4.12
N ILE B 127 16.10 8.12 -4.66
CA ILE B 127 16.60 7.00 -3.88
C ILE B 127 17.98 6.69 -4.40
N ILE B 128 18.93 6.57 -3.50
CA ILE B 128 20.21 5.96 -3.84
C ILE B 128 20.26 4.60 -3.21
N SER B 129 20.89 3.65 -3.86
CA SER B 129 20.82 2.30 -3.34
C SER B 129 22.01 1.49 -3.76
N PHE B 130 22.15 0.36 -3.10
CA PHE B 130 23.20 -0.62 -3.38
C PHE B 130 22.67 -1.99 -3.01
N ALA B 131 22.58 -2.87 -4.01
CA ALA B 131 22.17 -4.25 -3.80
C ALA B 131 23.37 -5.11 -3.51
N ASP B 132 23.45 -5.68 -2.31
CA ASP B 132 24.54 -6.59 -1.96
C ASP B 132 24.08 -8.01 -2.16
N LEU B 133 24.44 -8.59 -3.30
CA LEU B 133 24.02 -9.94 -3.65
C LEU B 133 24.92 -11.01 -3.06
N LYS B 134 25.91 -10.59 -2.27
CA LYS B 134 26.72 -11.52 -1.52
C LYS B 134 26.02 -11.83 -0.20
N LYS B 135 25.67 -10.79 0.54
CA LYS B 135 24.98 -10.94 1.83
C LYS B 135 23.45 -10.87 1.70
N TYR B 136 22.97 -10.73 0.47
CA TYR B 136 21.53 -10.63 0.20
C TYR B 136 20.84 -9.54 1.01
N ARG B 137 21.31 -8.31 0.84
CA ARG B 137 20.77 -7.14 1.52
C ARG B 137 20.59 -6.01 0.53
N PHE B 138 19.52 -5.24 0.68
CA PHE B 138 19.32 -4.08 -0.18
C PHE B 138 19.38 -2.81 0.66
N TYR B 139 20.44 -2.01 0.44
CA TYR B 139 20.61 -0.74 1.12
C TYR B 139 20.01 0.37 0.30
N TYR B 140 19.34 1.30 0.95
CA TYR B 140 18.78 2.40 0.20
C TYR B 140 18.58 3.59 1.12
N TRP B 141 18.39 4.75 0.50
CA TRP B 141 18.26 5.98 1.26
C TRP B 141 17.43 6.93 0.43
N LEU B 142 16.27 7.31 0.96
CA LEU B 142 15.40 8.27 0.31
C LEU B 142 15.82 9.70 0.63
N GLY B 143 15.93 10.54 -0.39
CA GLY B 143 16.16 11.96 -0.20
C GLY B 143 15.03 12.74 -0.85
N VAL B 144 14.51 13.74 -0.15
CA VAL B 144 13.46 14.59 -0.68
C VAL B 144 13.98 16.03 -0.61
N PRO B 145 14.50 16.56 -1.73
CA PRO B 145 15.22 17.84 -1.73
C PRO B 145 14.34 18.99 -1.27
N CYS B 146 14.58 19.48 -0.06
CA CYS B 146 13.88 20.66 0.43
C CYS B 146 14.88 21.82 0.52
N PHE B 147 14.60 22.90 -0.21
CA PHE B 147 15.55 24.02 -0.27
C PHE B 147 14.96 25.31 0.30
N GLN B 148 15.79 26.01 1.07
CA GLN B 148 15.41 27.30 1.63
C GLN B 148 16.33 28.38 1.03
N ARG B 149 15.83 29.07 0.02
CA ARG B 149 16.59 30.13 -0.65
C ARG B 149 15.83 31.47 -0.62
N PRO B 150 16.48 32.52 -0.07
CA PRO B 150 17.83 32.49 0.48
C PRO B 150 17.89 31.74 1.80
N SER B 151 19.08 31.24 2.14
CA SER B 151 19.30 30.52 3.38
C SER B 151 18.77 31.26 4.61
N SER B 152 18.93 32.59 4.59
CA SER B 152 18.66 33.43 5.75
C SER B 152 17.17 33.59 6.08
N THR B 153 16.38 33.89 5.06
CA THR B 153 14.94 34.12 5.25
C THR B 153 14.24 32.98 6.00
N VAL B 154 13.53 33.35 7.07
CA VAL B 154 12.67 32.41 7.79
C VAL B 154 11.26 32.98 7.82
N LEU B 155 10.31 32.24 8.39
CA LEU B 155 8.92 32.68 8.39
C LEU B 155 8.32 32.81 9.78
N HIS B 156 7.82 34.00 10.08
CA HIS B 156 7.10 34.25 11.33
C HIS B 156 5.60 34.16 11.08
N VAL B 157 4.88 33.48 11.97
CA VAL B 157 3.48 33.22 11.72
C VAL B 157 2.59 33.36 12.95
N ARG B 158 1.32 33.67 12.71
CA ARG B 158 0.32 33.70 13.76
C ARG B 158 -0.98 33.12 13.23
N PRO B 159 -1.62 32.24 14.02
CA PRO B 159 -2.87 31.60 13.61
C PRO B 159 -3.88 32.61 13.08
N GLU B 160 -4.70 32.19 12.12
CA GLU B 160 -5.72 33.07 11.56
C GLU B 160 -6.96 32.27 11.17
N PRO B 161 -7.81 31.97 12.17
CA PRO B 161 -9.00 31.16 11.93
C PRO B 161 -9.91 31.78 10.88
N SER B 162 -9.90 33.11 10.81
CA SER B 162 -10.68 33.84 9.82
C SER B 162 -10.74 33.10 8.49
N LEU B 163 -9.57 32.71 7.99
CA LEU B 163 -9.47 32.00 6.73
C LEU B 163 -9.71 30.50 6.91
N LYS B 164 -10.83 30.15 7.54
CA LYS B 164 -11.19 28.75 7.72
C LYS B 164 -12.39 28.37 6.86
N GLY B 165 -13.02 29.38 6.27
CA GLY B 165 -14.22 29.18 5.49
C GLY B 165 -13.95 28.83 4.05
N LEU B 166 -12.72 29.06 3.60
CA LEU B 166 -12.37 28.82 2.20
C LEU B 166 -11.51 27.58 2.01
N PHE B 167 -11.44 26.74 3.04
CA PHE B 167 -10.71 25.49 2.97
C PHE B 167 -11.34 24.55 1.95
N SER B 168 -12.66 24.40 2.02
CA SER B 168 -13.40 23.54 1.11
C SER B 168 -13.13 23.90 -0.35
N LYS B 169 -13.07 25.20 -0.64
CA LYS B 169 -12.77 25.68 -1.98
C LYS B 169 -11.44 25.10 -2.45
N CYS B 170 -10.40 25.31 -1.65
CA CYS B 170 -9.06 24.82 -1.96
C CYS B 170 -9.01 23.29 -2.09
N GLN B 171 -9.57 22.60 -1.09
CA GLN B 171 -9.56 21.14 -1.06
C GLN B 171 -10.16 20.56 -2.33
N LYS B 172 -11.34 21.04 -2.70
CA LYS B 172 -12.02 20.58 -3.89
C LYS B 172 -11.20 20.91 -5.12
N TRP B 173 -10.50 22.05 -5.06
CA TRP B 173 -9.73 22.56 -6.20
C TRP B 173 -8.49 21.72 -6.48
N PHE B 174 -7.83 21.26 -5.41
CA PHE B 174 -6.63 20.45 -5.55
C PHE B 174 -6.95 19.09 -6.18
N ASP B 175 -8.06 18.51 -5.75
CA ASP B 175 -8.47 17.20 -6.28
C ASP B 175 -8.65 17.26 -7.80
N VAL B 176 -9.14 18.39 -8.29
CA VAL B 176 -9.36 18.56 -9.72
C VAL B 176 -8.03 18.81 -10.45
N ASN B 177 -7.20 19.68 -9.88
CA ASN B 177 -5.88 19.95 -10.45
C ASN B 177 -4.80 19.17 -9.69
N TYR B 178 -4.81 17.85 -9.88
CA TYR B 178 -3.94 16.93 -9.13
C TYR B 178 -2.46 17.12 -9.42
N SER B 179 -2.15 17.88 -10.47
CA SER B 179 -0.77 18.14 -10.85
C SER B 179 -0.23 19.36 -10.12
N LYS B 180 -1.10 20.06 -9.42
CA LYS B 180 -0.76 21.33 -8.78
C LYS B 180 -0.52 21.18 -7.28
N TRP B 181 0.45 21.94 -6.76
CA TRP B 181 0.82 21.89 -5.35
C TRP B 181 0.41 23.17 -4.62
N VAL B 182 0.21 24.25 -5.36
CA VAL B 182 -0.24 25.50 -4.78
C VAL B 182 -1.34 26.13 -5.61
N CYS B 183 -2.13 26.98 -4.98
CA CYS B 183 -3.11 27.79 -5.69
C CYS B 183 -3.21 29.15 -5.02
N ILE B 184 -3.88 30.08 -5.70
CA ILE B 184 -4.09 31.42 -5.16
C ILE B 184 -5.46 31.96 -5.60
N LEU B 185 -5.99 32.89 -4.83
CA LEU B 185 -7.24 33.55 -5.22
C LEU B 185 -6.94 34.95 -5.73
N ASP B 186 -7.75 35.42 -6.68
CA ASP B 186 -7.48 36.68 -7.35
C ASP B 186 -8.24 37.86 -6.75
N ALA B 187 -8.36 38.93 -7.53
CA ALA B 187 -9.05 40.14 -7.08
C ALA B 187 -10.55 39.91 -6.89
N ASP B 188 -11.06 38.83 -7.45
CA ASP B 188 -12.48 38.49 -7.32
C ASP B 188 -12.68 37.25 -6.48
N ASP B 189 -11.65 36.86 -5.75
CA ASP B 189 -11.70 35.68 -4.87
C ASP B 189 -12.08 34.41 -5.61
N GLU B 190 -11.47 34.20 -6.78
CA GLU B 190 -11.67 32.98 -7.54
C GLU B 190 -10.33 32.28 -7.73
N ILE B 191 -10.20 31.07 -7.17
CA ILE B 191 -8.91 30.37 -7.15
C ILE B 191 -8.51 29.73 -8.47
N VAL B 192 -7.51 30.34 -9.12
CA VAL B 192 -6.91 29.78 -10.32
C VAL B 192 -5.46 29.40 -10.01
N ASN B 193 -4.71 29.00 -11.02
CA ASN B 193 -3.32 28.61 -10.81
C ASN B 193 -2.44 29.76 -10.35
N TYR B 194 -1.44 29.44 -9.55
CA TYR B 194 -0.48 30.42 -9.06
C TYR B 194 -0.08 31.40 -10.16
N ASP B 195 0.19 32.65 -9.77
CA ASP B 195 0.50 33.70 -10.72
C ASP B 195 1.23 34.85 -10.02
N LYS B 196 2.47 35.11 -10.44
CA LYS B 196 3.28 36.16 -9.83
C LYS B 196 2.57 37.52 -9.82
N CYS B 197 1.85 37.82 -10.90
CA CYS B 197 1.19 39.12 -11.04
C CYS B 197 -0.09 39.22 -10.21
N ILE B 198 -0.74 38.09 -9.98
CA ILE B 198 -1.96 38.06 -9.20
C ILE B 198 -1.68 37.94 -7.71
N ILE B 199 -0.63 37.21 -7.36
CA ILE B 199 -0.28 36.98 -5.96
C ILE B 199 0.35 38.22 -5.31
N ARG B 200 1.16 38.94 -6.07
CA ARG B 200 1.80 40.16 -5.57
C ARG B 200 0.77 41.27 -5.37
N LYS B 201 -0.50 40.94 -5.51
CA LYS B 201 -1.59 41.90 -5.37
C LYS B 201 -2.61 41.47 -4.32
N THR B 202 -2.85 40.17 -4.21
CA THR B 202 -3.83 39.66 -3.25
C THR B 202 -3.16 39.12 -1.98
N LYS B 203 -1.97 38.54 -2.16
CA LYS B 203 -1.14 38.10 -1.02
C LYS B 203 -1.66 36.84 -0.32
N VAL B 204 -2.44 36.01 -1.01
CA VAL B 204 -2.97 34.79 -0.40
C VAL B 204 -2.47 33.52 -1.10
N LEU B 205 -1.77 32.68 -0.37
CA LEU B 205 -1.17 31.45 -0.93
C LEU B 205 -1.64 30.19 -0.22
N ALA B 206 -2.11 29.23 -1.00
CA ALA B 206 -2.56 27.94 -0.47
C ALA B 206 -1.66 26.82 -0.95
N ILE B 207 -1.25 25.96 -0.03
CA ILE B 207 -0.34 24.85 -0.36
C ILE B 207 -1.01 23.51 -0.11
N ARG B 208 -0.75 22.56 -1.00
CA ARG B 208 -1.16 21.17 -0.79
C ARG B 208 -0.16 20.52 0.17
N ASP B 209 -0.60 20.20 1.37
CA ASP B 209 0.30 19.72 2.40
C ASP B 209 0.39 18.18 2.42
N THR B 210 1.54 17.66 2.83
CA THR B 210 1.75 16.21 2.91
C THR B 210 1.95 15.75 4.34
N SER B 211 1.98 16.71 5.27
CA SER B 211 2.14 16.39 6.68
C SER B 211 0.77 16.19 7.35
N THR B 212 0.77 15.66 8.56
CA THR B 212 -0.45 15.58 9.36
C THR B 212 -0.19 16.07 10.78
N MET B 213 1.04 16.55 11.02
CA MET B 213 1.37 17.18 12.28
C MET B 213 0.40 18.35 12.48
N GLU B 214 -0.21 18.42 13.67
CA GLU B 214 -1.27 19.39 13.92
C GLU B 214 -0.98 20.83 13.44
N ASN B 215 0.18 21.37 13.81
CA ASN B 215 0.51 22.75 13.43
C ASN B 215 1.82 22.86 12.66
N VAL B 216 2.35 21.72 12.21
CA VAL B 216 3.62 21.68 11.53
C VAL B 216 3.45 21.18 10.09
N PRO B 217 3.68 22.07 9.10
CA PRO B 217 3.51 21.74 7.69
C PRO B 217 4.70 20.98 7.10
N SER B 218 4.49 20.37 5.93
CA SER B 218 5.56 19.64 5.25
C SER B 218 6.76 20.54 4.94
N ALA B 219 7.95 20.01 5.15
CA ALA B 219 9.17 20.73 4.84
C ALA B 219 9.26 21.11 3.35
N LEU B 220 8.38 20.55 2.53
CA LEU B 220 8.32 20.96 1.12
C LEU B 220 7.82 22.41 0.99
N THR B 221 7.19 22.91 2.04
CA THR B 221 6.70 24.29 2.06
C THR B 221 7.83 25.22 1.68
N LYS B 222 8.99 25.00 2.29
CA LYS B 222 10.19 25.77 1.99
C LYS B 222 10.41 25.96 0.49
N ASN B 223 10.23 24.90 -0.28
CA ASN B 223 10.46 24.98 -1.71
C ASN B 223 9.58 26.05 -2.33
N PHE B 224 8.29 25.97 -2.01
CA PHE B 224 7.32 26.90 -2.59
C PHE B 224 7.56 28.33 -2.12
N LEU B 225 7.86 28.50 -0.84
CA LEU B 225 8.17 29.82 -0.30
C LEU B 225 9.42 30.43 -0.94
N SER B 226 10.42 29.58 -1.22
CA SER B 226 11.64 30.07 -1.88
C SER B 226 11.30 30.60 -3.27
N VAL B 227 10.51 29.84 -4.01
CA VAL B 227 10.10 30.28 -5.34
C VAL B 227 9.27 31.56 -5.24
N LEU B 228 8.45 31.65 -4.19
CA LEU B 228 7.65 32.84 -3.94
C LEU B 228 8.56 34.07 -3.81
N GLN B 229 9.49 34.03 -2.87
CA GLN B 229 10.42 35.13 -2.64
C GLN B 229 11.11 35.58 -3.92
N TYR B 230 11.36 34.62 -4.81
CA TYR B 230 12.03 34.92 -6.08
C TYR B 230 11.08 35.69 -7.01
N ASP B 231 9.87 35.17 -7.17
CA ASP B 231 8.87 35.77 -8.05
C ASP B 231 8.28 37.06 -7.50
N VAL B 232 8.30 37.22 -6.19
CA VAL B 232 7.73 38.40 -5.54
C VAL B 232 8.59 38.87 -4.37
N PRO B 233 9.74 39.50 -4.69
CA PRO B 233 10.68 40.00 -3.67
C PRO B 233 10.07 41.10 -2.80
N ASP B 234 8.95 41.68 -3.24
CA ASP B 234 8.30 42.75 -2.50
C ASP B 234 7.46 42.24 -1.32
N LEU B 235 6.76 41.12 -1.53
CA LEU B 235 5.86 40.58 -0.52
C LEU B 235 6.58 40.05 0.72
N ILE B 236 6.40 40.73 1.84
CA ILE B 236 6.94 40.27 3.12
C ILE B 236 5.80 39.97 4.08
N ASP B 237 4.58 40.28 3.64
CA ASP B 237 3.39 40.03 4.44
C ASP B 237 2.35 39.31 3.59
N PHE B 238 1.84 38.19 4.09
CA PHE B 238 0.91 37.38 3.32
C PHE B 238 0.12 36.41 4.18
N LYS B 239 -0.97 35.88 3.60
CA LYS B 239 -1.77 34.85 4.24
C LYS B 239 -1.44 33.50 3.64
N LEU B 240 -1.14 32.53 4.50
CA LEU B 240 -0.71 31.20 4.06
C LEU B 240 -1.69 30.11 4.50
N LEU B 241 -2.28 29.42 3.54
CA LEU B 241 -3.19 28.33 3.84
C LEU B 241 -2.53 26.96 3.66
N ILE B 242 -2.44 26.22 4.76
CA ILE B 242 -1.94 24.85 4.72
C ILE B 242 -3.11 23.90 4.53
N ILE B 243 -3.29 23.41 3.30
CA ILE B 243 -4.47 22.62 2.96
C ILE B 243 -4.24 21.10 3.10
N ARG B 244 -5.16 20.44 3.78
CA ARG B 244 -5.06 19.00 3.96
C ARG B 244 -6.39 18.36 3.60
N GLN B 245 -6.35 17.08 3.20
CA GLN B 245 -7.58 16.39 2.82
C GLN B 245 -8.39 15.97 4.04
N ASN B 246 -7.72 15.90 5.18
CA ASN B 246 -8.38 15.57 6.43
C ASN B 246 -8.98 16.82 7.09
N GLU B 247 -9.35 16.70 8.36
CA GLU B 247 -9.88 17.82 9.11
C GLU B 247 -8.76 18.49 9.90
N GLY B 248 -7.73 18.97 9.20
CA GLY B 248 -6.56 19.51 9.85
C GLY B 248 -5.91 20.72 9.18
N SER B 249 -6.57 21.26 8.16
CA SER B 249 -6.07 22.47 7.51
C SER B 249 -6.02 23.62 8.50
N PHE B 250 -4.93 24.39 8.47
CA PHE B 250 -4.84 25.59 9.29
C PHE B 250 -4.31 26.77 8.49
N ALA B 251 -4.74 27.97 8.87
CA ALA B 251 -4.29 29.21 8.23
C ALA B 251 -3.29 29.93 9.13
N LEU B 252 -2.43 30.74 8.51
CA LEU B 252 -1.42 31.47 9.26
C LEU B 252 -1.15 32.86 8.69
N ASN B 253 -1.09 33.86 9.56
CA ASN B 253 -0.59 35.17 9.18
C ASN B 253 0.93 35.10 9.16
N ALA B 254 1.51 35.16 7.96
CA ALA B 254 2.94 34.90 7.80
C ALA B 254 3.75 36.11 7.38
N THR B 255 4.98 36.19 7.88
CA THR B 255 5.87 37.31 7.58
C THR B 255 7.30 36.83 7.36
N PHE B 256 7.85 37.16 6.19
CA PHE B 256 9.23 36.82 5.84
C PHE B 256 10.24 37.53 6.72
N ALA B 257 10.89 36.78 7.61
CA ALA B 257 11.86 37.35 8.54
C ALA B 257 13.28 36.86 8.25
N SER B 258 14.10 37.72 7.68
CA SER B 258 15.49 37.37 7.41
C SER B 258 16.30 37.32 8.70
N ILE B 259 17.55 36.85 8.60
CA ILE B 259 18.46 36.83 9.73
C ILE B 259 19.91 37.00 9.28
N ASP B 269 21.79 32.51 -1.60
CA ASP B 269 22.24 31.29 -0.96
C ASP B 269 21.11 30.26 -0.77
N MET B 270 21.44 28.98 -0.81
CA MET B 270 20.44 27.92 -0.70
C MET B 270 20.80 26.89 0.38
N LYS B 271 19.93 26.77 1.37
CA LYS B 271 20.09 25.73 2.41
C LYS B 271 19.26 24.50 2.04
N VAL B 272 19.93 23.35 1.90
CA VAL B 272 19.26 22.13 1.43
C VAL B 272 19.20 21.02 2.48
N SER B 273 18.03 20.40 2.58
CA SER B 273 17.87 19.21 3.40
C SER B 273 16.89 18.23 2.77
N GLY B 274 16.66 17.11 3.44
CA GLY B 274 15.66 16.15 2.99
C GLY B 274 16.06 14.68 2.99
N TRP B 275 17.28 14.36 3.44
CA TRP B 275 17.63 12.94 3.59
C TRP B 275 16.75 12.30 4.68
N GLU B 276 16.11 11.18 4.36
CA GLU B 276 15.20 10.52 5.31
C GLU B 276 15.98 9.90 6.46
N ARG B 277 15.40 9.93 7.65
CA ARG B 277 15.99 9.24 8.79
C ARG B 277 15.64 7.76 8.74
N ASN B 278 16.52 6.91 9.23
CA ASN B 278 16.26 5.48 9.12
C ASN B 278 15.52 4.94 10.34
N VAL B 279 15.61 3.63 10.53
CA VAL B 279 14.84 2.89 11.52
C VAL B 279 15.20 3.27 12.97
N GLN B 280 16.32 3.97 13.10
CA GLN B 280 16.79 4.39 14.42
C GLN B 280 16.81 5.90 14.55
N GLY B 281 16.05 6.58 13.70
CA GLY B 281 15.95 8.03 13.79
C GLY B 281 17.21 8.76 13.33
N LYS B 282 18.17 8.01 12.78
CA LYS B 282 19.43 8.59 12.32
C LYS B 282 19.49 8.90 10.82
N LEU B 283 20.36 9.83 10.44
CA LEU B 283 20.54 10.20 9.04
C LEU B 283 21.53 9.23 8.39
N ALA B 284 21.01 8.08 7.99
CA ALA B 284 21.82 7.01 7.43
C ALA B 284 20.90 6.13 6.61
N PRO B 285 21.47 5.17 5.86
CA PRO B 285 20.63 4.37 4.99
C PRO B 285 19.73 3.40 5.75
N ARG B 286 18.73 2.87 5.05
CA ARG B 286 17.94 1.75 5.55
C ARG B 286 18.42 0.52 4.82
N VAL B 287 18.03 -0.65 5.30
CA VAL B 287 18.47 -1.88 4.68
C VAL B 287 17.41 -2.95 4.90
N VAL B 288 17.10 -3.71 3.86
CA VAL B 288 16.12 -4.78 3.98
C VAL B 288 16.68 -6.07 3.41
N ASP B 289 16.05 -7.18 3.77
CA ASP B 289 16.53 -8.50 3.37
C ASP B 289 16.19 -8.73 1.89
N LEU B 290 17.09 -9.43 1.18
CA LEU B 290 16.79 -9.96 -0.15
C LEU B 290 16.75 -11.49 -0.09
N SER B 291 16.95 -12.04 1.10
CA SER B 291 16.86 -13.47 1.37
C SER B 291 18.11 -14.23 0.91
N ASP C 6 25.00 -2.78 8.43
CA ASP C 6 25.80 -2.63 9.62
C ASP C 6 27.14 -3.33 9.47
N GLU C 7 28.26 -2.64 9.75
CA GLU C 7 28.29 -1.24 10.18
C GLU C 7 28.44 -0.29 9.00
N LEU C 8 28.09 -0.74 7.79
CA LEU C 8 28.04 0.14 6.63
C LEU C 8 27.09 1.29 6.97
N ILE C 9 25.96 0.94 7.57
CA ILE C 9 24.97 1.92 7.98
C ILE C 9 25.55 2.92 9.00
N GLN C 10 26.38 2.44 9.91
CA GLN C 10 27.06 3.33 10.85
C GLN C 10 28.03 4.27 10.13
N ASP C 11 28.81 3.75 9.19
CA ASP C 11 29.81 4.55 8.47
C ASP C 11 29.20 5.65 7.60
N MET C 12 27.98 5.40 7.11
CA MET C 12 27.35 6.28 6.13
C MET C 12 26.53 7.40 6.77
N GLU C 13 26.43 7.40 8.09
CA GLU C 13 25.68 8.43 8.82
C GLU C 13 26.22 9.85 8.57
N ILE C 14 25.31 10.80 8.44
CA ILE C 14 25.68 12.20 8.23
C ILE C 14 25.06 13.12 9.28
N LYS C 15 25.33 14.43 9.18
CA LYS C 15 24.78 15.41 10.11
C LYS C 15 23.85 16.42 9.40
N ASP D 4 2.13 -0.91 27.56
CA ASP D 4 1.23 -0.07 26.77
C ASP D 4 0.58 -0.85 25.61
N ILE D 5 0.34 -2.14 25.81
CA ILE D 5 -0.22 -2.98 24.77
C ILE D 5 -1.55 -2.45 24.25
N ASP D 6 -2.44 -2.07 25.16
CA ASP D 6 -3.76 -1.56 24.78
C ASP D 6 -3.68 -0.25 23.99
N GLU D 7 -2.68 0.57 24.30
CA GLU D 7 -2.51 1.84 23.59
C GLU D 7 -2.03 1.60 22.15
N LEU D 8 -1.04 0.73 22.01
CA LEU D 8 -0.51 0.36 20.68
C LEU D 8 -1.60 -0.14 19.74
N ILE D 9 -2.37 -1.13 20.20
CA ILE D 9 -3.43 -1.74 19.41
C ILE D 9 -4.49 -0.73 18.94
N GLN D 10 -4.86 0.19 19.83
CA GLN D 10 -5.78 1.27 19.50
C GLN D 10 -5.23 2.17 18.40
N ASP D 11 -3.95 2.50 18.50
CA ASP D 11 -3.30 3.38 17.50
C ASP D 11 -3.21 2.71 16.12
N MET D 12 -3.27 1.38 16.09
CA MET D 12 -3.12 0.63 14.86
C MET D 12 -4.45 0.21 14.23
N GLU D 13 -5.54 0.49 14.92
CA GLU D 13 -6.87 0.19 14.39
C GLU D 13 -7.15 0.96 13.10
N ILE D 14 -7.65 0.26 12.09
CA ILE D 14 -7.97 0.90 10.84
C ILE D 14 -9.48 0.87 10.59
N LYS D 15 -9.89 1.49 9.48
CA LYS D 15 -11.30 1.59 9.12
C LYS D 15 -11.57 0.80 7.86
#